data_2F11
#
_entry.id   2F11
#
_cell.length_a   86.980
_cell.length_b   87.700
_cell.length_c   92.360
_cell.angle_alpha   90.00
_cell.angle_beta   90.00
_cell.angle_gamma   90.00
#
_symmetry.space_group_name_H-M   'C 2 2 21'
#
loop_
_entity.id
_entity.type
_entity.pdbx_description
1 polymer 'Sialidase 2'
2 non-polymer 'PHOSPHATE ION'
3 non-polymer '2-methylpropyl 2-acetamido-2,4-dideoxy-alpha-L-threo-hex-4-enopyranosiduronic acid'
4 water water
#
_entity_poly.entity_id   1
_entity_poly.type   'polypeptide(L)'
_entity_poly.pdbx_seq_one_letter_code
;GSMASLPVLQKESVFQSGAHAYRIPALLYLPGQQSLLAFAEQRASKKDEHAELIVLRRGDYDAPTHQVQWQAQEVVAQAR
LDGHRSMNPCPLYDAQTGTLFLFFIAIPGQVTEQQQLQTRANVTRLCQVTSTDHGRTWSSPRDLTDAAIGPAYREWSTFA
VGPGHCLQLNDRARSLVVPAYAYRKLHPIQRPIPSAFCFLSHDHGRTWARGHFVAQDTLECQVAEVETGEQRVVTLNARS
HLRARVQAQSTNDGLDFQESQLVKKLVEPPPQGCQGSVISFPSPRSGPGSPAQWLLYTHPTHSWQRADLGAYLNPRPPAP
EAWSEPVLLAKGSCAYSDLQSMGTGPDGSPLFGCLYEANDYEEIVFLMFTLKQAFPAEYLPQ
;
_entity_poly.pdbx_strand_id   A
#
loop_
_chem_comp.id
_chem_comp.type
_chem_comp.name
_chem_comp.formula
IEM L-saccharide '2-methylpropyl 2-acetamido-2,4-dideoxy-alpha-L-threo-hex-4-enopyranosiduronic acid' 'C12 H19 N O6'
PO4 non-polymer 'PHOSPHATE ION' 'O4 P -3'
#
# COMPACT_ATOMS: atom_id res chain seq x y z
N SER A 5 -10.10 -10.83 19.02
CA SER A 5 -8.90 -10.17 18.42
C SER A 5 -7.96 -9.70 19.54
N LEU A 6 -6.79 -9.20 19.17
CA LEU A 6 -5.82 -8.72 20.16
C LEU A 6 -6.14 -7.30 20.64
N PRO A 7 -5.52 -6.86 21.75
CA PRO A 7 -5.75 -5.52 22.29
C PRO A 7 -5.21 -4.44 21.37
N VAL A 8 -5.99 -3.38 21.18
CA VAL A 8 -5.58 -2.28 20.32
C VAL A 8 -5.83 -0.93 20.98
N LEU A 9 -5.10 0.09 20.54
CA LEU A 9 -5.26 1.42 21.11
C LEU A 9 -6.50 2.13 20.61
N GLN A 10 -6.88 1.83 19.37
CA GLN A 10 -8.04 2.48 18.78
C GLN A 10 -8.67 1.63 17.70
N LYS A 11 -9.99 1.75 17.60
CA LYS A 11 -10.73 1.02 16.58
C LYS A 11 -12.00 1.77 16.22
N GLU A 12 -11.99 2.42 15.06
CA GLU A 12 -13.17 3.16 14.60
C GLU A 12 -13.25 3.20 13.07
N SER A 13 -14.47 3.32 12.57
CA SER A 13 -14.67 3.38 11.12
C SER A 13 -14.52 4.85 10.78
N VAL A 14 -13.83 5.12 9.67
CA VAL A 14 -13.58 6.48 9.25
C VAL A 14 -14.26 6.81 7.95
N PHE A 15 -14.73 5.77 7.26
CA PHE A 15 -15.45 5.90 6.01
C PHE A 15 -16.63 4.97 6.16
N GLN A 16 -17.81 5.40 5.74
CA GLN A 16 -18.98 4.57 5.91
C GLN A 16 -19.93 4.64 4.72
N SER A 17 -20.38 3.50 4.25
CA SER A 17 -21.31 3.47 3.13
C SER A 17 -22.57 4.23 3.54
N GLY A 18 -23.06 5.07 2.64
CA GLY A 18 -24.25 5.85 2.90
C GLY A 18 -24.75 6.39 1.57
N ALA A 19 -24.50 7.68 1.34
CA ALA A 19 -24.88 8.31 0.09
C ALA A 19 -23.98 7.64 -0.96
N HIS A 20 -22.72 7.46 -0.57
CA HIS A 20 -21.72 6.82 -1.45
C HIS A 20 -21.16 5.58 -0.76
N ALA A 21 -20.38 4.82 -1.50
CA ALA A 21 -19.75 3.62 -0.95
C ALA A 21 -18.25 3.90 -0.96
N TYR A 22 -17.53 3.38 0.04
CA TYR A 22 -16.10 3.60 0.13
C TYR A 22 -15.27 2.30 0.07
N ARG A 23 -14.27 2.29 -0.80
CA ARG A 23 -13.39 1.13 -0.95
C ARG A 23 -11.97 1.51 -1.37
N ILE A 24 -11.05 0.56 -1.19
CA ILE A 24 -9.64 0.75 -1.56
C ILE A 24 -8.93 1.80 -0.73
N PRO A 25 -8.68 1.48 0.55
CA PRO A 25 -8.00 2.37 1.50
C PRO A 25 -6.50 2.55 1.28
N ALA A 26 -5.99 3.71 1.69
CA ALA A 26 -4.57 4.01 1.59
C ALA A 26 -4.27 4.91 2.79
N LEU A 27 -3.22 4.57 3.52
CA LEU A 27 -2.87 5.34 4.71
C LEU A 27 -1.49 5.96 4.62
N LEU A 28 -1.34 7.19 5.13
CA LEU A 28 -0.04 7.84 5.11
C LEU A 28 0.26 8.54 6.42
N TYR A 29 1.48 8.34 6.92
CA TYR A 29 1.87 8.98 8.15
C TYR A 29 2.85 10.11 7.88
N LEU A 30 2.54 11.30 8.40
CA LEU A 30 3.40 12.46 8.23
C LEU A 30 4.14 12.59 9.56
N PRO A 31 5.32 11.95 9.67
CA PRO A 31 6.14 11.98 10.89
C PRO A 31 6.23 13.31 11.62
N GLY A 32 6.69 14.35 10.94
CA GLY A 32 6.82 15.62 11.61
C GLY A 32 5.54 16.28 12.14
N GLN A 33 4.38 15.87 11.64
CA GLN A 33 3.12 16.47 12.08
C GLN A 33 2.32 15.59 13.03
N GLN A 34 2.90 14.44 13.42
CA GLN A 34 2.25 13.48 14.30
C GLN A 34 0.86 13.16 13.78
N SER A 35 0.65 13.19 12.47
CA SER A 35 -0.68 12.90 11.94
C SER A 35 -0.73 12.01 10.70
N LEU A 36 -1.93 11.51 10.41
CA LEU A 36 -2.16 10.61 9.29
C LEU A 36 -3.17 11.12 8.29
N LEU A 37 -2.98 10.68 7.05
CA LEU A 37 -3.89 11.01 5.97
C LEU A 37 -4.46 9.67 5.55
N ALA A 38 -5.79 9.59 5.55
CA ALA A 38 -6.50 8.37 5.18
C ALA A 38 -7.28 8.64 3.90
N PHE A 39 -6.93 7.93 2.83
CA PHE A 39 -7.60 8.08 1.53
C PHE A 39 -8.45 6.87 1.23
N ALA A 40 -9.43 7.07 0.35
CA ALA A 40 -10.33 6.00 -0.07
C ALA A 40 -11.00 6.39 -1.40
N GLU A 41 -11.56 5.41 -2.08
CA GLU A 41 -12.27 5.68 -3.32
C GLU A 41 -13.71 5.95 -2.92
N GLN A 42 -14.30 7.04 -3.41
CA GLN A 42 -15.69 7.31 -3.11
C GLN A 42 -16.44 6.91 -4.39
N ARG A 43 -17.28 5.89 -4.29
CA ARG A 43 -18.03 5.42 -5.47
C ARG A 43 -19.49 5.86 -5.47
N ALA A 51 -18.79 9.01 -11.97
CA ALA A 51 -18.88 9.64 -10.66
C ALA A 51 -18.12 8.83 -9.61
N GLU A 52 -16.80 8.84 -9.73
CA GLU A 52 -15.93 8.13 -8.82
C GLU A 52 -14.71 8.98 -8.52
N LEU A 53 -14.56 9.36 -7.27
CA LEU A 53 -13.45 10.20 -6.85
C LEU A 53 -12.72 9.66 -5.63
N ILE A 54 -11.62 10.32 -5.30
CA ILE A 54 -10.85 9.94 -4.13
C ILE A 54 -11.13 10.95 -3.02
N VAL A 55 -11.43 10.43 -1.83
CA VAL A 55 -11.71 11.28 -0.67
C VAL A 55 -10.54 11.22 0.29
N LEU A 56 -10.52 12.13 1.26
CA LEU A 56 -9.43 12.20 2.23
C LEU A 56 -9.89 12.61 3.63
N ARG A 57 -9.17 12.11 4.63
CA ARG A 57 -9.45 12.42 6.03
C ARG A 57 -8.13 12.57 6.77
N ARG A 58 -7.95 13.70 7.46
CA ARG A 58 -6.72 13.96 8.20
C ARG A 58 -6.96 13.66 9.67
N GLY A 59 -6.02 12.96 10.29
CA GLY A 59 -6.13 12.63 11.70
C GLY A 59 -4.91 13.01 12.51
N ASP A 60 -5.13 13.72 13.61
CA ASP A 60 -4.05 14.14 14.49
C ASP A 60 -3.92 13.06 15.55
N TYR A 61 -2.72 12.55 15.75
CA TYR A 61 -2.50 11.53 16.75
C TYR A 61 -2.00 12.11 18.06
N ASP A 62 -2.72 11.80 19.13
CA ASP A 62 -2.33 12.29 20.45
C ASP A 62 -1.97 11.09 21.31
N ALA A 63 -0.68 10.90 21.56
CA ALA A 63 -0.18 9.78 22.35
C ALA A 63 -0.71 9.74 23.79
N PRO A 64 -0.65 10.87 24.52
CA PRO A 64 -1.13 10.88 25.90
C PRO A 64 -2.50 10.25 26.05
N THR A 65 -3.37 10.46 25.08
CA THR A 65 -4.72 9.89 25.13
C THR A 65 -4.84 8.64 24.27
N HIS A 66 -3.71 8.19 23.74
CA HIS A 66 -3.65 7.00 22.89
C HIS A 66 -4.71 7.04 21.79
N GLN A 67 -4.91 8.19 21.17
CA GLN A 67 -5.91 8.28 20.12
C GLN A 67 -5.66 9.30 19.00
N VAL A 68 -6.23 9.01 17.85
CA VAL A 68 -6.13 9.85 16.68
C VAL A 68 -7.49 10.50 16.47
N GLN A 69 -7.52 11.80 16.26
CA GLN A 69 -8.78 12.48 16.03
C GLN A 69 -8.95 12.79 14.55
N TRP A 70 -9.99 12.22 13.96
CA TRP A 70 -10.21 12.41 12.55
C TRP A 70 -11.07 13.62 12.20
N GLN A 71 -10.58 14.40 11.24
CA GLN A 71 -11.28 15.58 10.79
C GLN A 71 -12.29 15.19 9.72
N ALA A 72 -13.00 16.17 9.19
CA ALA A 72 -14.03 15.91 8.19
C ALA A 72 -13.50 15.43 6.85
N GLN A 73 -14.24 14.49 6.27
CA GLN A 73 -13.92 13.90 5.00
C GLN A 73 -13.83 14.97 3.92
N GLU A 74 -12.83 14.87 3.06
CA GLU A 74 -12.63 15.84 1.99
C GLU A 74 -12.41 15.14 0.65
N VAL A 75 -12.76 15.82 -0.44
CA VAL A 75 -12.57 15.26 -1.77
C VAL A 75 -11.31 15.87 -2.36
N VAL A 76 -10.50 15.05 -3.02
CA VAL A 76 -9.30 15.56 -3.64
C VAL A 76 -9.73 15.96 -5.04
N ALA A 77 -10.42 17.10 -5.11
CA ALA A 77 -10.96 17.65 -6.34
C ALA A 77 -10.02 17.60 -7.54
N GLN A 78 -8.74 17.83 -7.29
CA GLN A 78 -7.71 17.84 -8.34
C GLN A 78 -7.26 16.47 -8.83
N ALA A 79 -7.51 15.44 -8.02
CA ALA A 79 -7.09 14.09 -8.38
C ALA A 79 -8.07 13.40 -9.35
N ARG A 80 -8.19 13.95 -10.55
CA ARG A 80 -9.07 13.39 -11.56
C ARG A 80 -8.89 14.04 -12.92
N LEU A 81 -9.34 13.34 -13.95
CA LEU A 81 -9.27 13.82 -15.32
C LEU A 81 -10.70 13.99 -15.81
N ASP A 82 -10.92 14.98 -16.66
CA ASP A 82 -12.25 15.21 -17.20
C ASP A 82 -12.80 13.91 -17.80
N GLY A 83 -14.03 13.57 -17.44
CA GLY A 83 -14.64 12.36 -17.98
C GLY A 83 -14.01 11.03 -17.59
N HIS A 84 -13.21 11.03 -16.53
CA HIS A 84 -12.58 9.80 -16.06
C HIS A 84 -12.87 9.58 -14.58
N ARG A 85 -12.89 8.32 -14.18
CA ARG A 85 -13.11 7.98 -12.78
C ARG A 85 -11.71 7.75 -12.22
N SER A 86 -11.52 8.06 -10.94
CA SER A 86 -10.22 7.89 -10.31
C SER A 86 -10.21 6.68 -9.38
N MET A 87 -9.11 5.94 -9.37
CA MET A 87 -9.02 4.75 -8.54
C MET A 87 -7.62 4.52 -8.02
N ASN A 88 -7.50 3.59 -7.07
CA ASN A 88 -6.22 3.21 -6.50
C ASN A 88 -5.34 4.32 -5.97
N PRO A 89 -5.80 5.05 -4.95
CA PRO A 89 -4.98 6.13 -4.39
C PRO A 89 -3.70 5.55 -3.78
N CYS A 90 -2.55 6.03 -4.23
CA CYS A 90 -1.24 5.58 -3.73
C CYS A 90 -0.45 6.78 -3.22
N PRO A 91 -0.52 7.05 -1.91
CA PRO A 91 0.20 8.19 -1.31
C PRO A 91 1.66 7.92 -0.96
N LEU A 92 2.41 9.02 -0.85
CA LEU A 92 3.82 8.96 -0.51
C LEU A 92 4.32 10.34 -0.11
N TYR A 93 5.17 10.40 0.90
CA TYR A 93 5.74 11.67 1.33
C TYR A 93 7.25 11.71 1.08
N ASP A 94 7.71 12.72 0.34
CA ASP A 94 9.13 12.86 0.04
C ASP A 94 9.78 13.56 1.23
N ALA A 95 10.59 12.82 1.98
CA ALA A 95 11.24 13.36 3.16
C ALA A 95 12.31 14.42 2.88
N GLN A 96 12.85 14.40 1.67
CA GLN A 96 13.88 15.36 1.33
C GLN A 96 13.34 16.68 0.77
N THR A 97 12.08 16.68 0.35
CA THR A 97 11.47 17.88 -0.20
C THR A 97 10.33 18.40 0.67
N GLY A 98 9.58 17.49 1.27
CA GLY A 98 8.44 17.89 2.08
C GLY A 98 7.24 17.93 1.18
N THR A 99 7.36 17.24 0.04
CA THR A 99 6.31 17.17 -0.95
C THR A 99 5.48 15.89 -0.83
N LEU A 100 4.16 16.05 -0.86
CA LEU A 100 3.24 14.92 -0.76
C LEU A 100 2.75 14.48 -2.14
N PHE A 101 2.95 13.21 -2.46
CA PHE A 101 2.51 12.67 -3.75
C PHE A 101 1.26 11.81 -3.63
N LEU A 102 0.37 11.90 -4.61
CA LEU A 102 -0.82 11.07 -4.64
C LEU A 102 -1.01 10.53 -6.04
N PHE A 103 -0.55 9.30 -6.24
CA PHE A 103 -0.66 8.62 -7.52
C PHE A 103 -2.02 7.97 -7.59
N PHE A 104 -2.58 7.88 -8.78
CA PHE A 104 -3.87 7.26 -8.94
C PHE A 104 -4.11 6.84 -10.39
N ILE A 105 -5.20 6.13 -10.60
CA ILE A 105 -5.56 5.67 -11.93
C ILE A 105 -6.83 6.37 -12.39
N ALA A 106 -6.84 6.78 -13.66
CA ALA A 106 -8.00 7.45 -14.25
C ALA A 106 -8.49 6.64 -15.44
N ILE A 107 -9.77 6.31 -15.43
CA ILE A 107 -10.35 5.52 -16.52
C ILE A 107 -11.62 6.17 -17.05
N PRO A 108 -11.81 6.14 -18.39
CA PRO A 108 -12.99 6.73 -19.05
C PRO A 108 -14.31 6.28 -18.45
N ALA A 121 -7.78 -3.14 -25.58
CA ALA A 121 -7.68 -1.70 -25.83
C ALA A 121 -7.41 -0.97 -24.52
N ASN A 122 -6.15 -0.62 -24.29
CA ASN A 122 -5.74 0.08 -23.08
C ASN A 122 -6.19 1.54 -23.12
N VAL A 123 -6.84 1.98 -22.05
CA VAL A 123 -7.31 3.37 -21.97
C VAL A 123 -7.06 3.92 -20.57
N THR A 124 -6.27 3.19 -19.80
CA THR A 124 -5.95 3.58 -18.43
C THR A 124 -4.86 4.64 -18.39
N ARG A 125 -4.98 5.58 -17.47
CA ARG A 125 -4.00 6.67 -17.35
C ARG A 125 -3.34 6.71 -15.98
N LEU A 126 -2.05 6.99 -15.97
CA LEU A 126 -1.30 7.11 -14.72
C LEU A 126 -1.20 8.61 -14.42
N CYS A 127 -1.56 9.00 -13.19
CA CYS A 127 -1.51 10.41 -12.83
C CYS A 127 -0.92 10.63 -11.46
N GLN A 128 -0.74 11.89 -11.13
CA GLN A 128 -0.22 12.27 -9.84
C GLN A 128 -0.59 13.71 -9.57
N VAL A 129 -0.75 14.03 -8.29
CA VAL A 129 -1.05 15.37 -7.84
C VAL A 129 -0.17 15.53 -6.63
N THR A 130 0.32 16.74 -6.40
CA THR A 130 1.20 16.98 -5.26
C THR A 130 0.70 18.09 -4.34
N SER A 131 1.14 18.01 -3.10
CA SER A 131 0.78 18.98 -2.09
C SER A 131 2.01 19.36 -1.32
N THR A 132 2.17 20.65 -1.06
CA THR A 132 3.32 21.14 -0.30
C THR A 132 2.83 21.66 1.05
N ASP A 133 1.53 21.50 1.32
CA ASP A 133 0.96 21.97 2.58
C ASP A 133 0.35 20.83 3.40
N HIS A 134 0.90 19.62 3.23
CA HIS A 134 0.46 18.44 3.96
C HIS A 134 -0.90 17.88 3.57
N GLY A 135 -1.28 18.05 2.31
CA GLY A 135 -2.56 17.50 1.87
C GLY A 135 -3.71 18.49 1.82
N ARG A 136 -3.57 19.63 2.48
CA ARG A 136 -4.64 20.62 2.49
C ARG A 136 -5.06 21.02 1.08
N THR A 137 -4.09 21.32 0.23
CA THR A 137 -4.38 21.70 -1.15
C THR A 137 -3.54 20.83 -2.07
N TRP A 138 -3.91 20.78 -3.35
CA TRP A 138 -3.19 19.96 -4.32
C TRP A 138 -2.98 20.63 -5.67
N SER A 139 -1.84 20.36 -6.28
CA SER A 139 -1.54 20.92 -7.59
C SER A 139 -2.49 20.25 -8.58
N SER A 140 -2.46 20.70 -9.83
CA SER A 140 -3.32 20.09 -10.83
C SER A 140 -2.65 18.77 -11.21
N PRO A 141 -3.42 17.81 -11.73
CA PRO A 141 -2.86 16.51 -12.11
C PRO A 141 -1.78 16.55 -13.19
N ARG A 142 -1.01 15.49 -13.27
CA ARG A 142 0.04 15.35 -14.26
C ARG A 142 -0.11 13.96 -14.87
N ASP A 143 -0.54 13.89 -16.12
CA ASP A 143 -0.70 12.59 -16.79
C ASP A 143 0.67 12.02 -17.14
N LEU A 144 1.10 11.03 -16.36
CA LEU A 144 2.41 10.38 -16.51
C LEU A 144 2.50 9.20 -17.47
N THR A 145 1.36 8.76 -17.99
CA THR A 145 1.27 7.62 -18.89
C THR A 145 2.37 7.39 -19.95
N ASP A 146 2.34 8.10 -21.06
CA ASP A 146 3.32 7.90 -22.13
C ASP A 146 4.79 7.84 -21.76
N ALA A 147 5.24 8.80 -20.97
CA ALA A 147 6.64 8.85 -20.58
C ALA A 147 7.03 7.81 -19.54
N ALA A 148 6.08 7.40 -18.70
CA ALA A 148 6.38 6.42 -17.65
C ALA A 148 6.32 5.00 -18.16
N ILE A 149 5.51 4.76 -19.19
CA ILE A 149 5.35 3.42 -19.72
C ILE A 149 6.03 3.17 -21.07
N GLY A 150 5.89 4.11 -22.00
CA GLY A 150 6.49 3.92 -23.31
C GLY A 150 5.67 2.99 -24.20
N PRO A 151 6.31 2.39 -25.21
CA PRO A 151 5.67 1.48 -26.18
C PRO A 151 4.85 0.31 -25.61
N ALA A 152 5.35 -0.30 -24.54
CA ALA A 152 4.64 -1.44 -23.93
C ALA A 152 3.18 -1.12 -23.61
N TYR A 153 2.89 0.16 -23.42
CA TYR A 153 1.53 0.59 -23.11
C TYR A 153 0.53 -0.16 -24.00
N ARG A 154 0.87 -0.31 -25.28
CA ARG A 154 0.01 -0.97 -26.25
C ARG A 154 -0.07 -2.47 -26.07
N GLU A 155 0.94 -3.04 -25.41
CA GLU A 155 0.99 -4.48 -25.17
C GLU A 155 0.16 -4.89 -23.95
N TRP A 156 -0.38 -3.91 -23.24
CA TRP A 156 -1.19 -4.18 -22.07
C TRP A 156 -2.67 -3.96 -22.31
N SER A 157 -3.47 -4.57 -21.47
CA SER A 157 -4.93 -4.46 -21.54
C SER A 157 -5.32 -3.29 -20.65
N THR A 158 -4.65 -3.20 -19.50
CA THR A 158 -4.85 -2.15 -18.51
C THR A 158 -3.73 -2.32 -17.47
N PHE A 159 -3.79 -1.54 -16.40
CA PHE A 159 -2.78 -1.62 -15.34
C PHE A 159 -3.21 -0.75 -14.17
N ALA A 160 -2.46 -0.83 -13.07
CA ALA A 160 -2.76 -0.04 -11.89
C ALA A 160 -1.56 0.13 -10.97
N VAL A 161 -1.68 1.05 -10.03
CA VAL A 161 -0.62 1.27 -9.06
C VAL A 161 -1.22 0.91 -7.70
N GLY A 162 -0.38 0.40 -6.80
CA GLY A 162 -0.85 0.02 -5.50
C GLY A 162 -2.03 -0.91 -5.60
N PRO A 163 -3.13 -0.65 -4.88
CA PRO A 163 -3.39 0.45 -3.95
C PRO A 163 -2.54 0.47 -2.69
N GLY A 164 -2.58 1.59 -1.99
CA GLY A 164 -1.82 1.72 -0.76
C GLY A 164 -0.61 2.63 -0.83
N HIS A 165 0.07 2.75 0.30
CA HIS A 165 1.23 3.60 0.42
C HIS A 165 2.33 3.14 -0.53
N CYS A 166 3.17 4.09 -0.94
CA CYS A 166 4.29 3.81 -1.81
C CYS A 166 5.56 3.75 -0.97
N LEU A 167 6.71 3.84 -1.61
CA LEU A 167 7.97 3.75 -0.89
C LEU A 167 9.05 4.72 -1.39
N GLN A 168 9.88 5.19 -0.47
CA GLN A 168 10.99 6.07 -0.84
C GLN A 168 12.24 5.42 -0.26
N LEU A 169 13.27 5.26 -1.09
CA LEU A 169 14.49 4.60 -0.68
C LEU A 169 15.56 5.45 0.00
N ASN A 170 16.60 4.76 0.46
CA ASN A 170 17.76 5.35 1.15
C ASN A 170 18.90 5.69 0.19
N ASP A 171 18.81 5.19 -1.03
CA ASP A 171 19.84 5.43 -2.04
C ASP A 171 20.18 6.92 -2.06
N ARG A 172 21.28 7.26 -2.71
CA ARG A 172 21.69 8.66 -2.76
C ARG A 172 20.60 9.57 -3.33
N ALA A 173 19.96 9.13 -4.40
CA ALA A 173 18.90 9.93 -5.02
C ALA A 173 17.56 9.88 -4.31
N ARG A 174 17.47 9.10 -3.23
CA ARG A 174 16.22 8.97 -2.47
C ARG A 174 15.06 8.72 -3.42
N SER A 175 15.25 7.73 -4.29
CA SER A 175 14.28 7.35 -5.30
C SER A 175 12.89 7.06 -4.80
N LEU A 176 11.93 7.26 -5.70
CA LEU A 176 10.53 7.01 -5.37
C LEU A 176 10.14 5.71 -6.05
N VAL A 177 9.60 4.79 -5.27
CA VAL A 177 9.18 3.50 -5.80
C VAL A 177 7.67 3.37 -5.64
N VAL A 178 6.98 3.26 -6.77
CA VAL A 178 5.52 3.12 -6.81
C VAL A 178 5.16 1.73 -7.31
N PRO A 179 4.60 0.90 -6.42
CA PRO A 179 4.18 -0.47 -6.70
C PRO A 179 3.05 -0.50 -7.72
N ALA A 180 3.11 -1.45 -8.65
CA ALA A 180 2.10 -1.55 -9.69
C ALA A 180 2.05 -2.92 -10.31
N TYR A 181 1.12 -3.09 -11.25
CA TYR A 181 0.99 -4.35 -11.97
C TYR A 181 0.32 -4.07 -13.30
N ALA A 182 0.52 -4.96 -14.26
CA ALA A 182 -0.05 -4.77 -15.57
C ALA A 182 -0.59 -6.07 -16.16
N TYR A 183 -1.69 -5.96 -16.89
CA TYR A 183 -2.29 -7.11 -17.55
C TYR A 183 -1.68 -7.19 -18.93
N ARG A 184 -0.81 -8.17 -19.13
CA ARG A 184 -0.12 -8.32 -20.39
C ARG A 184 -0.79 -9.24 -21.39
N LYS A 185 -0.52 -8.97 -22.68
CA LYS A 185 -1.09 -9.75 -23.78
C LYS A 185 0.00 -10.39 -24.65
N LEU A 186 0.06 -11.73 -24.67
CA LEU A 186 1.06 -12.42 -25.48
C LEU A 186 0.76 -12.35 -26.98
N ILE A 189 -5.05 -15.55 -27.90
CA ILE A 189 -5.73 -16.80 -27.57
C ILE A 189 -6.03 -16.86 -26.07
N GLN A 190 -5.09 -16.38 -25.27
CA GLN A 190 -5.23 -16.38 -23.82
C GLN A 190 -5.60 -14.99 -23.35
N ARG A 191 -6.23 -14.91 -22.19
CA ARG A 191 -6.61 -13.61 -21.61
C ARG A 191 -5.33 -12.93 -21.12
N PRO A 192 -5.37 -11.61 -20.90
CA PRO A 192 -4.15 -10.92 -20.44
C PRO A 192 -3.73 -11.42 -19.06
N ILE A 193 -2.45 -11.73 -18.91
CA ILE A 193 -1.93 -12.21 -17.64
C ILE A 193 -1.28 -11.06 -16.87
N PRO A 194 -1.54 -10.97 -15.57
CA PRO A 194 -0.97 -9.89 -14.76
C PRO A 194 0.44 -10.12 -14.21
N SER A 195 1.20 -9.04 -14.12
CA SER A 195 2.56 -9.08 -13.58
C SER A 195 2.85 -7.79 -12.82
N ALA A 196 3.38 -7.92 -11.62
CA ALA A 196 3.70 -6.78 -10.81
C ALA A 196 4.99 -6.16 -11.30
N PHE A 197 5.24 -4.92 -10.89
CA PHE A 197 6.46 -4.20 -11.23
C PHE A 197 6.43 -2.86 -10.48
N CYS A 198 7.52 -2.12 -10.57
CA CYS A 198 7.58 -0.83 -9.89
C CYS A 198 7.98 0.31 -10.81
N PHE A 199 7.33 1.46 -10.63
CA PHE A 199 7.66 2.64 -11.39
C PHE A 199 8.76 3.28 -10.55
N LEU A 200 9.85 3.70 -11.19
CA LEU A 200 10.94 4.30 -10.45
C LEU A 200 11.30 5.70 -10.91
N SER A 201 11.60 6.57 -9.95
CA SER A 201 11.99 7.94 -10.22
C SER A 201 13.23 8.21 -9.40
N HIS A 202 14.24 8.86 -9.98
CA HIS A 202 15.45 9.15 -9.23
C HIS A 202 15.58 10.65 -9.05
N ASP A 203 14.70 11.39 -9.72
CA ASP A 203 14.71 12.85 -9.67
C ASP A 203 13.51 13.43 -8.92
N HIS A 204 13.09 12.75 -7.86
CA HIS A 204 11.96 13.19 -7.05
C HIS A 204 10.64 13.35 -7.82
N GLY A 205 10.28 12.32 -8.57
CA GLY A 205 9.03 12.34 -9.31
C GLY A 205 8.99 13.23 -10.53
N ARG A 206 10.17 13.67 -10.99
CA ARG A 206 10.22 14.53 -12.16
C ARG A 206 10.07 13.65 -13.40
N THR A 207 10.81 12.54 -13.43
CA THR A 207 10.72 11.60 -14.54
C THR A 207 10.49 10.20 -13.98
N TRP A 208 10.00 9.29 -14.81
CA TRP A 208 9.71 7.94 -14.37
C TRP A 208 10.12 6.85 -15.33
N ALA A 209 10.63 5.77 -14.78
CA ALA A 209 11.05 4.62 -15.56
C ALA A 209 10.19 3.46 -15.11
N ARG A 210 9.97 2.52 -16.02
CA ARG A 210 9.17 1.34 -15.75
C ARG A 210 10.08 0.19 -15.40
N GLY A 211 9.88 -0.40 -14.22
CA GLY A 211 10.70 -1.51 -13.80
C GLY A 211 10.33 -2.80 -14.52
N HIS A 212 11.12 -3.84 -14.28
CA HIS A 212 10.89 -5.13 -14.90
C HIS A 212 9.88 -5.98 -14.14
N PHE A 213 9.04 -6.70 -14.87
CA PHE A 213 8.04 -7.55 -14.25
C PHE A 213 8.63 -8.63 -13.36
N VAL A 214 7.82 -9.12 -12.43
CA VAL A 214 8.22 -10.19 -11.55
C VAL A 214 7.53 -11.41 -12.16
N ALA A 215 7.58 -12.57 -11.50
CA ALA A 215 6.92 -13.77 -12.02
C ALA A 215 5.55 -13.42 -12.59
N GLN A 216 5.15 -14.14 -13.62
CA GLN A 216 3.84 -13.90 -14.23
C GLN A 216 2.74 -14.12 -13.19
N ASP A 217 1.53 -13.77 -13.59
CA ASP A 217 0.36 -13.91 -12.74
C ASP A 217 0.47 -13.28 -11.36
N THR A 218 1.06 -12.10 -11.27
CA THR A 218 1.16 -11.40 -10.00
C THR A 218 0.39 -10.10 -10.15
N LEU A 219 -0.33 -9.69 -9.11
CA LEU A 219 -1.13 -8.46 -9.19
C LEU A 219 -0.81 -7.42 -8.14
N GLU A 220 -1.84 -6.80 -7.59
CA GLU A 220 -1.70 -5.75 -6.58
C GLU A 220 -0.62 -6.11 -5.58
N CYS A 221 0.37 -5.23 -5.47
CA CYS A 221 1.47 -5.50 -4.56
C CYS A 221 1.93 -4.22 -3.88
N GLN A 222 2.83 -4.39 -2.93
CA GLN A 222 3.43 -3.29 -2.19
C GLN A 222 4.90 -3.61 -1.97
N VAL A 223 5.69 -2.58 -1.72
CA VAL A 223 7.12 -2.74 -1.52
C VAL A 223 7.60 -2.05 -0.25
N ALA A 224 8.59 -2.66 0.39
CA ALA A 224 9.17 -2.11 1.60
C ALA A 224 10.67 -2.23 1.48
N GLU A 225 11.38 -1.27 2.06
CA GLU A 225 12.83 -1.33 2.00
C GLU A 225 13.31 -1.99 3.27
N VAL A 226 14.35 -2.82 3.13
CA VAL A 226 14.94 -3.54 4.24
C VAL A 226 16.45 -3.51 4.10
N GLU A 227 17.12 -2.82 5.01
CA GLU A 227 18.58 -2.72 4.99
C GLU A 227 19.15 -3.90 5.76
N THR A 228 19.63 -4.89 5.03
CA THR A 228 20.21 -6.06 5.67
C THR A 228 21.59 -6.32 5.10
N GLY A 229 22.51 -6.77 5.95
CA GLY A 229 23.87 -7.00 5.49
C GLY A 229 24.54 -5.66 5.24
N GLU A 230 24.71 -5.32 3.97
CA GLU A 230 25.35 -4.05 3.62
C GLU A 230 24.48 -3.28 2.62
N GLN A 231 23.86 -4.00 1.70
CA GLN A 231 23.04 -3.36 0.69
C GLN A 231 21.55 -3.28 1.02
N ARG A 232 20.87 -2.43 0.26
CA ARG A 232 19.44 -2.22 0.39
C ARG A 232 18.72 -3.37 -0.31
N VAL A 233 17.56 -3.75 0.24
CA VAL A 233 16.78 -4.81 -0.36
C VAL A 233 15.31 -4.46 -0.40
N VAL A 234 14.79 -4.27 -1.60
CA VAL A 234 13.39 -3.96 -1.77
C VAL A 234 12.64 -5.29 -1.84
N THR A 235 11.76 -5.52 -0.87
CA THR A 235 10.96 -6.73 -0.85
C THR A 235 9.59 -6.38 -1.41
N LEU A 236 9.05 -7.28 -2.24
CA LEU A 236 7.74 -7.05 -2.84
C LEU A 236 6.79 -8.19 -2.50
N ASN A 237 5.62 -7.82 -1.98
CA ASN A 237 4.59 -8.77 -1.57
C ASN A 237 3.37 -8.59 -2.48
N ALA A 238 3.10 -9.58 -3.31
CA ALA A 238 1.99 -9.46 -4.25
C ALA A 238 0.88 -10.49 -4.16
N ARG A 239 -0.30 -10.06 -4.61
CA ARG A 239 -1.50 -10.89 -4.65
C ARG A 239 -1.32 -11.82 -5.85
N SER A 240 -1.79 -13.05 -5.76
CA SER A 240 -1.66 -13.96 -6.90
C SER A 240 -2.95 -14.75 -7.06
N HIS A 241 -2.96 -15.66 -8.03
CA HIS A 241 -4.14 -16.48 -8.29
C HIS A 241 -4.02 -17.86 -7.65
N LEU A 242 -2.98 -18.03 -6.83
CA LEU A 242 -2.78 -19.28 -6.13
C LEU A 242 -3.25 -19.15 -4.69
N ARG A 243 -3.20 -20.24 -3.94
CA ARG A 243 -3.63 -20.24 -2.55
C ARG A 243 -2.60 -19.58 -1.64
N ALA A 244 -1.54 -19.04 -2.22
CA ALA A 244 -0.51 -18.38 -1.44
C ALA A 244 -0.05 -17.08 -2.07
N ARG A 245 0.65 -16.28 -1.28
CA ARG A 245 1.17 -14.99 -1.74
C ARG A 245 2.49 -15.18 -2.50
N VAL A 246 2.83 -14.18 -3.30
CA VAL A 246 4.08 -14.21 -4.05
C VAL A 246 4.94 -13.04 -3.55
N GLN A 247 6.21 -13.33 -3.30
CA GLN A 247 7.15 -12.33 -2.78
C GLN A 247 8.41 -12.33 -3.64
N ALA A 248 8.88 -11.14 -4.01
CA ALA A 248 10.07 -11.00 -4.83
C ALA A 248 11.03 -10.00 -4.19
N GLN A 249 12.31 -10.10 -4.53
CA GLN A 249 13.33 -9.21 -3.96
C GLN A 249 14.11 -8.48 -5.03
N SER A 250 14.59 -7.29 -4.69
CA SER A 250 15.37 -6.48 -5.61
C SER A 250 16.60 -5.90 -4.91
N THR A 251 17.75 -6.01 -5.58
CA THR A 251 19.00 -5.47 -5.05
C THR A 251 19.41 -4.24 -5.86
N ASN A 252 18.60 -3.88 -6.86
CA ASN A 252 18.90 -2.72 -7.68
C ASN A 252 17.75 -1.71 -7.65
N ASP A 253 17.27 -1.46 -6.44
CA ASP A 253 16.21 -0.50 -6.19
C ASP A 253 14.89 -0.70 -6.92
N GLY A 254 14.54 -1.95 -7.22
CA GLY A 254 13.28 -2.20 -7.88
C GLY A 254 13.32 -2.35 -9.39
N LEU A 255 14.48 -2.14 -9.99
CA LEU A 255 14.60 -2.29 -11.44
C LEU A 255 14.35 -3.75 -11.80
N ASP A 256 15.10 -4.63 -11.15
CA ASP A 256 14.98 -6.07 -11.37
C ASP A 256 14.68 -6.76 -10.06
N PHE A 257 13.81 -7.75 -10.12
CA PHE A 257 13.46 -8.52 -8.94
C PHE A 257 13.99 -9.95 -9.10
N GLN A 258 15.27 -10.10 -8.75
CA GLN A 258 15.98 -11.38 -8.81
C GLN A 258 15.04 -12.52 -9.09
N GLU A 259 14.51 -13.09 -8.02
CA GLU A 259 13.60 -14.20 -8.13
C GLU A 259 12.42 -13.97 -7.20
N SER A 260 11.36 -14.73 -7.45
CA SER A 260 10.15 -14.64 -6.67
C SER A 260 9.77 -16.02 -6.20
N GLN A 261 9.31 -16.09 -4.96
CA GLN A 261 8.91 -17.37 -4.38
C GLN A 261 7.49 -17.29 -3.83
N LEU A 262 6.80 -18.43 -3.82
CA LEU A 262 5.46 -18.48 -3.26
C LEU A 262 5.70 -18.59 -1.77
N VAL A 263 4.85 -17.99 -0.95
CA VAL A 263 5.02 -18.06 0.48
C VAL A 263 3.79 -18.73 1.08
N LYS A 264 3.87 -20.06 1.20
CA LYS A 264 2.78 -20.87 1.73
C LYS A 264 2.15 -20.31 3.01
N LYS A 265 2.98 -19.81 3.91
CA LYS A 265 2.50 -19.26 5.19
C LYS A 265 1.57 -18.05 5.05
N LEU A 266 1.52 -17.44 3.87
CA LEU A 266 0.66 -16.29 3.64
C LEU A 266 -0.42 -16.68 2.64
N VAL A 267 -1.54 -17.17 3.18
CA VAL A 267 -2.66 -17.64 2.38
C VAL A 267 -3.41 -16.61 1.54
N GLU A 268 -4.03 -17.10 0.47
CA GLU A 268 -4.82 -16.30 -0.46
C GLU A 268 -6.09 -17.09 -0.73
N PRO A 269 -7.26 -16.56 -0.36
CA PRO A 269 -8.49 -17.32 -0.64
C PRO A 269 -8.70 -17.40 -2.16
N PRO A 270 -8.56 -18.60 -2.75
CA PRO A 270 -8.73 -18.86 -4.19
C PRO A 270 -9.79 -18.06 -4.95
N PRO A 271 -10.93 -17.70 -4.30
CA PRO A 271 -11.95 -16.92 -5.00
C PRO A 271 -11.33 -16.03 -6.08
N GLN A 272 -10.17 -15.47 -5.75
CA GLN A 272 -9.40 -14.62 -6.66
C GLN A 272 -8.27 -13.98 -5.86
N GLY A 273 -8.22 -14.31 -4.57
CA GLY A 273 -7.20 -13.75 -3.70
C GLY A 273 -7.66 -12.41 -3.17
N CYS A 274 -6.79 -11.71 -2.46
CA CYS A 274 -7.12 -10.40 -1.89
C CYS A 274 -5.87 -9.56 -1.68
N GLN A 275 -6.04 -8.25 -1.83
CA GLN A 275 -4.95 -7.31 -1.65
C GLN A 275 -4.45 -7.40 -0.20
N GLY A 276 -3.14 -7.16 -0.03
CA GLY A 276 -2.50 -7.21 1.27
C GLY A 276 -1.55 -6.04 1.40
N SER A 277 -1.13 -5.75 2.63
CA SER A 277 -0.23 -4.63 2.91
C SER A 277 1.06 -5.09 3.58
N VAL A 278 2.16 -4.40 3.30
CA VAL A 278 3.43 -4.71 3.94
C VAL A 278 4.26 -3.45 4.20
N ILE A 279 4.96 -3.43 5.33
CA ILE A 279 5.82 -2.31 5.70
C ILE A 279 7.00 -2.81 6.48
N SER A 280 8.00 -1.94 6.62
CA SER A 280 9.19 -2.26 7.38
C SER A 280 9.20 -1.30 8.55
N PHE A 281 9.92 -1.66 9.60
CA PHE A 281 10.02 -0.81 10.75
C PHE A 281 11.28 -1.18 11.49
N PRO A 282 11.80 -0.25 12.32
CA PRO A 282 13.01 -0.45 13.11
C PRO A 282 12.89 -1.63 14.06
N SER A 283 13.81 -2.59 13.94
CA SER A 283 13.79 -3.76 14.81
C SER A 283 14.09 -3.32 16.25
N PRO A 284 13.49 -4.01 17.23
CA PRO A 284 13.68 -3.71 18.67
C PRO A 284 15.12 -3.86 19.13
N ARG A 285 15.88 -4.73 18.46
CA ARG A 285 17.27 -4.95 18.80
C ARG A 285 18.16 -4.03 17.98
N ALA A 292 18.18 -4.49 11.33
CA ALA A 292 17.86 -3.07 11.18
C ALA A 292 16.35 -2.88 11.23
N GLN A 293 15.64 -3.53 10.30
CA GLN A 293 14.20 -3.42 10.28
C GLN A 293 13.57 -4.80 10.22
N TRP A 294 12.29 -4.84 10.55
CA TRP A 294 11.49 -6.06 10.49
C TRP A 294 10.34 -5.73 9.55
N LEU A 295 9.59 -6.76 9.14
CA LEU A 295 8.45 -6.53 8.27
C LEU A 295 7.16 -6.84 9.01
N LEU A 296 6.09 -6.16 8.59
CA LEU A 296 4.77 -6.39 9.16
C LEU A 296 3.88 -6.50 7.94
N TYR A 297 2.94 -7.44 7.97
CA TYR A 297 2.03 -7.65 6.85
C TYR A 297 0.61 -7.94 7.34
N THR A 298 -0.38 -7.30 6.71
CA THR A 298 -1.79 -7.52 7.09
C THR A 298 -2.52 -8.12 5.90
N HIS A 299 -3.51 -8.96 6.17
CA HIS A 299 -4.26 -9.63 5.11
C HIS A 299 -5.26 -10.59 5.74
N PRO A 300 -6.37 -10.90 5.04
CA PRO A 300 -7.39 -11.81 5.55
C PRO A 300 -6.75 -13.18 5.78
N THR A 301 -7.06 -13.81 6.91
CA THR A 301 -6.46 -15.12 7.22
C THR A 301 -7.28 -16.36 6.88
N HIS A 302 -8.58 -16.21 6.62
CA HIS A 302 -9.41 -17.35 6.27
C HIS A 302 -8.95 -17.95 4.95
N SER A 303 -8.77 -19.27 4.95
CA SER A 303 -8.31 -20.00 3.78
C SER A 303 -9.16 -19.84 2.51
N TRP A 304 -10.48 -19.78 2.67
CA TRP A 304 -11.33 -19.67 1.49
C TRP A 304 -12.19 -18.39 1.42
N GLN A 305 -12.22 -17.63 2.49
CA GLN A 305 -13.04 -16.43 2.51
C GLN A 305 -12.31 -15.17 2.93
N ARG A 306 -12.74 -14.03 2.40
CA ARG A 306 -12.10 -12.79 2.77
C ARG A 306 -12.54 -12.37 4.17
N ALA A 307 -12.03 -13.07 5.18
CA ALA A 307 -12.37 -12.75 6.56
C ALA A 307 -11.19 -12.90 7.53
N ASP A 308 -11.35 -12.29 8.69
CA ASP A 308 -10.36 -12.32 9.76
C ASP A 308 -9.02 -11.68 9.44
N LEU A 309 -8.97 -10.36 9.56
CA LEU A 309 -7.75 -9.61 9.31
C LEU A 309 -6.68 -10.06 10.30
N GLY A 310 -5.55 -10.52 9.76
CA GLY A 310 -4.47 -10.96 10.62
C GLY A 310 -3.19 -10.18 10.39
N ALA A 311 -2.33 -10.21 11.39
CA ALA A 311 -1.05 -9.51 11.27
C ALA A 311 0.04 -10.57 11.33
N TYR A 312 0.96 -10.50 10.37
CA TYR A 312 2.07 -11.42 10.31
C TYR A 312 3.31 -10.58 10.53
N LEU A 313 4.29 -11.16 11.19
CA LEU A 313 5.54 -10.49 11.51
C LEU A 313 6.70 -11.27 10.89
N ASN A 314 7.67 -10.54 10.34
CA ASN A 314 8.85 -11.18 9.78
C ASN A 314 10.06 -10.52 10.42
N PRO A 315 10.63 -11.17 11.44
CA PRO A 315 11.80 -10.69 12.18
C PRO A 315 13.15 -10.99 11.51
N ARG A 316 13.13 -11.81 10.46
CA ARG A 316 14.34 -12.15 9.73
C ARG A 316 14.12 -11.87 8.25
N PRO A 317 13.67 -10.65 7.92
CA PRO A 317 13.40 -10.26 6.54
C PRO A 317 14.63 -10.31 5.63
N PRO A 318 14.43 -10.65 4.35
CA PRO A 318 13.12 -11.00 3.79
C PRO A 318 12.85 -12.51 3.66
N ALA A 319 13.60 -13.31 4.41
CA ALA A 319 13.42 -14.77 4.36
C ALA A 319 11.94 -15.17 4.31
N PRO A 320 11.53 -15.94 3.30
CA PRO A 320 10.15 -16.40 3.13
C PRO A 320 9.70 -17.29 4.28
N GLU A 321 10.59 -18.16 4.72
CA GLU A 321 10.27 -19.07 5.81
C GLU A 321 10.35 -18.42 7.18
N ALA A 322 10.64 -17.13 7.23
CA ALA A 322 10.74 -16.44 8.51
C ALA A 322 9.40 -15.87 8.93
N TRP A 323 8.46 -15.81 7.98
CA TRP A 323 7.13 -15.29 8.27
C TRP A 323 6.49 -16.08 9.39
N SER A 324 5.83 -15.37 10.29
CA SER A 324 5.19 -15.98 11.45
C SER A 324 3.75 -16.39 11.20
N GLU A 325 3.16 -17.02 12.19
CA GLU A 325 1.76 -17.41 12.13
C GLU A 325 1.04 -16.08 12.25
N PRO A 326 -0.21 -16.01 11.78
CA PRO A 326 -0.87 -14.71 11.93
C PRO A 326 -1.55 -14.49 13.27
N VAL A 327 -1.45 -13.26 13.78
CA VAL A 327 -2.12 -12.90 15.02
C VAL A 327 -3.42 -12.24 14.54
N LEU A 328 -4.53 -12.50 15.24
CA LEU A 328 -5.83 -11.96 14.84
C LEU A 328 -6.10 -10.51 15.25
N LEU A 329 -6.23 -9.63 14.26
CA LEU A 329 -6.50 -8.21 14.51
C LEU A 329 -7.99 -7.86 14.49
N ALA A 330 -8.72 -8.41 13.52
CA ALA A 330 -10.14 -8.14 13.38
C ALA A 330 -10.89 -9.39 12.92
N LYS A 331 -12.03 -9.64 13.57
CA LYS A 331 -12.85 -10.77 13.23
C LYS A 331 -13.95 -10.32 12.27
N GLY A 332 -14.45 -11.25 11.46
CA GLY A 332 -15.48 -10.92 10.50
C GLY A 332 -14.90 -10.71 9.11
N SER A 333 -15.75 -10.31 8.16
CA SER A 333 -15.26 -10.11 6.81
C SER A 333 -14.32 -8.89 6.75
N CYS A 334 -13.17 -9.10 6.14
CA CYS A 334 -12.16 -8.05 6.00
C CYS A 334 -11.58 -8.23 4.61
N ALA A 335 -11.31 -7.13 3.91
CA ALA A 335 -10.75 -7.22 2.58
C ALA A 335 -9.40 -6.47 2.50
N TYR A 336 -9.34 -5.46 1.64
CA TYR A 336 -8.14 -4.66 1.44
C TYR A 336 -7.68 -3.91 2.70
N SER A 337 -6.38 -3.72 2.81
CA SER A 337 -5.82 -3.00 3.95
C SER A 337 -4.54 -2.25 3.59
N ASP A 338 -4.10 -1.37 4.48
CA ASP A 338 -2.87 -0.61 4.27
C ASP A 338 -2.28 -0.27 5.62
N LEU A 339 -0.98 -0.46 5.72
CA LEU A 339 -0.22 -0.21 6.94
C LEU A 339 0.71 0.99 6.83
N GLN A 340 1.00 1.57 7.98
CA GLN A 340 1.92 2.68 8.09
C GLN A 340 2.59 2.53 9.44
N SER A 341 3.90 2.76 9.47
CA SER A 341 4.67 2.70 10.70
C SER A 341 4.48 4.10 11.29
N MET A 342 4.09 4.19 12.56
CA MET A 342 3.86 5.51 13.17
C MET A 342 4.87 5.92 14.25
N GLY A 343 6.05 5.32 14.24
CA GLY A 343 7.03 5.67 15.26
C GLY A 343 6.93 4.81 16.51
N THR A 344 7.32 5.38 17.64
CA THR A 344 7.31 4.70 18.93
C THR A 344 5.95 4.79 19.61
N GLY A 345 5.46 3.66 20.10
CA GLY A 345 4.17 3.62 20.76
C GLY A 345 4.22 3.99 22.23
N PRO A 346 3.05 4.16 22.88
CA PRO A 346 2.93 4.53 24.29
C PRO A 346 3.63 3.57 25.25
N ASP A 347 3.78 2.32 24.81
CA ASP A 347 4.41 1.29 25.63
C ASP A 347 5.88 1.11 25.26
N GLY A 348 6.38 1.97 24.39
CA GLY A 348 7.78 1.88 24.01
C GLY A 348 8.08 1.08 22.76
N SER A 349 7.17 0.21 22.35
CA SER A 349 7.37 -0.61 21.16
C SER A 349 6.90 0.13 19.90
N PRO A 350 7.19 -0.43 18.71
CA PRO A 350 6.77 0.19 17.46
C PRO A 350 5.26 0.34 17.35
N LEU A 351 4.82 1.51 16.88
CA LEU A 351 3.40 1.81 16.72
C LEU A 351 2.92 1.56 15.28
N PHE A 352 1.70 1.06 15.12
CA PHE A 352 1.16 0.78 13.79
C PHE A 352 -0.26 1.27 13.58
N GLY A 353 -0.50 1.85 12.42
CA GLY A 353 -1.82 2.31 12.08
C GLY A 353 -2.28 1.46 10.90
N CYS A 354 -3.52 1.00 10.91
CA CYS A 354 -4.02 0.17 9.82
C CYS A 354 -5.43 0.53 9.36
N LEU A 355 -5.58 0.68 8.05
CA LEU A 355 -6.87 1.02 7.47
C LEU A 355 -7.32 -0.20 6.69
N TYR A 356 -8.54 -0.68 6.95
CA TYR A 356 -9.01 -1.86 6.23
C TYR A 356 -10.50 -1.88 5.96
N GLU A 357 -10.88 -2.54 4.87
CA GLU A 357 -12.27 -2.69 4.45
C GLU A 357 -12.94 -3.74 5.33
N ALA A 358 -14.19 -3.51 5.73
CA ALA A 358 -14.89 -4.46 6.59
C ALA A 358 -16.40 -4.51 6.44
N ASN A 359 -17.01 -5.46 7.13
CA ASN A 359 -18.46 -5.65 7.14
C ASN A 359 -19.06 -5.65 5.75
N ASP A 360 -18.52 -6.49 4.87
CA ASP A 360 -18.99 -6.59 3.49
C ASP A 360 -18.88 -5.26 2.75
N TYR A 361 -17.74 -4.59 2.94
CA TYR A 361 -17.46 -3.32 2.28
C TYR A 361 -18.36 -2.17 2.70
N GLU A 362 -18.88 -2.23 3.92
CA GLU A 362 -19.77 -1.18 4.43
C GLU A 362 -18.99 -0.07 5.12
N GLU A 363 -17.68 -0.25 5.26
CA GLU A 363 -16.86 0.78 5.91
C GLU A 363 -15.38 0.47 5.86
N ILE A 364 -14.60 1.50 6.14
CA ILE A 364 -13.14 1.40 6.20
C ILE A 364 -12.87 1.61 7.67
N VAL A 365 -12.18 0.67 8.30
CA VAL A 365 -11.89 0.82 9.71
C VAL A 365 -10.44 1.21 9.94
N PHE A 366 -10.22 2.14 10.87
CA PHE A 366 -8.88 2.54 11.24
C PHE A 366 -8.55 1.81 12.53
N LEU A 367 -7.41 1.14 12.52
CA LEU A 367 -6.96 0.38 13.66
C LEU A 367 -5.55 0.88 14.00
N MET A 368 -5.26 0.99 15.29
CA MET A 368 -3.95 1.44 15.77
C MET A 368 -3.52 0.51 16.89
N PHE A 369 -2.28 0.05 16.82
CA PHE A 369 -1.78 -0.89 17.83
C PHE A 369 -0.26 -0.94 17.82
N THR A 370 0.31 -1.60 18.82
CA THR A 370 1.76 -1.68 18.95
C THR A 370 2.32 -3.09 18.78
N LEU A 371 3.63 -3.17 18.58
CA LEU A 371 4.36 -4.42 18.43
C LEU A 371 4.16 -5.27 19.67
N LYS A 372 4.12 -4.62 20.82
CA LYS A 372 3.93 -5.30 22.10
C LYS A 372 2.50 -5.86 22.19
N GLN A 373 1.53 -5.11 21.67
CA GLN A 373 0.13 -5.56 21.69
C GLN A 373 -0.11 -6.73 20.74
N ALA A 374 0.62 -6.76 19.62
CA ALA A 374 0.45 -7.82 18.63
C ALA A 374 1.39 -9.01 18.74
N PHE A 375 2.62 -8.78 19.19
CA PHE A 375 3.60 -9.85 19.31
C PHE A 375 4.38 -9.77 20.61
N PRO A 376 3.69 -10.02 21.74
CA PRO A 376 4.27 -9.98 23.09
C PRO A 376 5.58 -10.76 23.18
N ALA A 377 5.56 -11.95 22.58
CA ALA A 377 6.69 -12.87 22.57
C ALA A 377 7.93 -12.41 21.80
N GLU A 378 7.82 -11.30 21.06
CA GLU A 378 8.96 -10.78 20.29
C GLU A 378 9.42 -9.40 20.72
P PO4 B . -21.65 9.85 2.69
O1 PO4 B . -21.60 9.53 1.25
O2 PO4 B . -21.21 11.25 2.91
O3 PO4 B . -20.77 8.93 3.45
O4 PO4 B . -23.04 9.69 3.18
C1 IEM C . -11.58 -6.76 -5.38
C2 IEM C . -11.24 -5.68 -6.26
C3 IEM C . -11.57 -4.19 -5.92
C4 IEM C . -10.61 -3.23 -6.71
C5 IEM C . -10.29 -3.72 -8.15
C6 IEM C . -9.66 -5.13 -7.99
O7 IEM C . -9.23 -5.79 -9.32
C7 IEM C . -8.63 -7.21 -9.11
C8 IEM C . -8.23 -7.85 -10.44
C9 IEM C . -7.88 -9.31 -10.20
C10 IEM C . -7.05 -7.10 -11.03
C11 IEM C . -9.61 -2.02 -9.90
C12 IEM C . -8.55 -1.07 -10.41
N5 IEM C . -9.36 -2.74 -8.77
O1A IEM C . -10.95 -7.96 -5.42
O1B IEM C . -12.51 -6.60 -4.51
O4 IEM C . -11.22 -1.94 -6.75
O6 IEM C . -10.67 -6.02 -7.38
O11 IEM C . -10.78 -2.12 -10.62
#